data_5QQ1
#
_entry.id   5QQ1
#
_cell.length_a   57.775
_cell.length_b   57.775
_cell.length_c   396.812
_cell.angle_alpha   90.000
_cell.angle_beta   90.000
_cell.angle_gamma   120.000
#
_symmetry.space_group_name_H-M   'P 61 2 2'
#
loop_
_entity.id
_entity.type
_entity.pdbx_description
1 polymer 'Farnesyl diphosphate synthase'
2 non-polymer 'SULFATE ION'
3 non-polymer 'ACETATE ION'
4 non-polymer 'ZINC ION'
5 non-polymer 4-cyclopentylcarbonylpiperazin-2-one
6 water water
#
_entity_poly.entity_id   1
_entity_poly.type   'polypeptide(L)'
_entity_poly.pdbx_seq_one_letter_code
;GPMASMERFLSVYDEVQAFLLDQLQSKYEIDPNRARYLRIMMDTTCLGGKYFRGMTVVNVAEGFLAVTQHDEATKERILH
DACVGGWMIEFLQAHYLVEDDIMDGSVMRRGKPCWYRFPGVTTQCAINDGIILKSWTQIMAWHYFADRPFLKDLLCLFQK
VDYATAVGQMYDVTSMCDSNKLDPEVAQPMTTDFAEFTPAIYKRIVKYKTTFYTYLLPLVMGLLVSEAAASVEMNLVERV
AHLIGEYFQVQDDVMDCFTPPEQLGKVGTDIEDAKCSWLAVTFLGKANAAQVAEFKANYGEKDPAKVAVVKRLYSKANLQ
ADFAAYEAEVVREVESLIEQLKVKSPTFAESVAVVWEKTHKRKK
;
_entity_poly.pdbx_strand_id   A
#
loop_
_chem_comp.id
_chem_comp.type
_chem_comp.name
_chem_comp.formula
ACT non-polymer 'ACETATE ION' 'C2 H3 O2 -1'
LX4 non-polymer 4-cyclopentylcarbonylpiperazin-2-one 'C10 H16 N2 O2'
SO4 non-polymer 'SULFATE ION' 'O4 S -2'
ZN non-polymer 'ZINC ION' 'Zn 2'
#
# COMPACT_ATOMS: atom_id res chain seq x y z
N MET A 3 -19.38 19.90 -5.96
CA MET A 3 -17.95 19.85 -5.50
C MET A 3 -17.17 18.67 -6.16
N ALA A 4 -16.05 18.99 -6.82
CA ALA A 4 -15.13 17.95 -7.34
C ALA A 4 -14.49 17.13 -6.19
N SER A 5 -14.20 15.87 -6.49
CA SER A 5 -13.88 14.87 -5.48
C SER A 5 -12.63 15.15 -4.72
N MET A 6 -11.57 15.43 -5.46
CA MET A 6 -10.26 15.75 -4.89
C MET A 6 -10.31 16.95 -3.99
N GLU A 7 -11.04 17.99 -4.43
CA GLU A 7 -11.11 19.23 -3.69
C GLU A 7 -11.89 18.97 -2.40
N ARG A 8 -12.90 18.10 -2.45
CA ARG A 8 -13.60 17.68 -1.22
C ARG A 8 -12.64 16.92 -0.30
N PHE A 9 -11.93 15.94 -0.87
CA PHE A 9 -11.00 15.13 -0.10
C PHE A 9 -9.94 15.99 0.60
N LEU A 10 -9.30 16.89 -0.14
CA LEU A 10 -8.26 17.75 0.45
C LEU A 10 -8.84 18.67 1.50
N SER A 11 -10.10 19.10 1.31
CA SER A 11 -10.73 19.98 2.31
C SER A 11 -10.91 19.24 3.59
N VAL A 12 -11.30 17.98 3.48
CA VAL A 12 -11.52 17.20 4.69
C VAL A 12 -10.18 16.97 5.46
N TYR A 13 -9.05 16.95 4.73
CA TYR A 13 -7.73 16.87 5.39
C TYR A 13 -7.57 18.02 6.42
N ASP A 14 -7.88 19.22 5.92
CA ASP A 14 -7.69 20.45 6.69
C ASP A 14 -8.58 20.37 7.92
N GLU A 15 -9.81 19.87 7.73
CA GLU A 15 -10.75 19.78 8.83
C GLU A 15 -10.27 18.71 9.86
N VAL A 16 -9.84 17.57 9.37
CA VAL A 16 -9.36 16.51 10.28
C VAL A 16 -8.07 16.93 11.00
N GLN A 17 -7.15 17.56 10.27
CA GLN A 17 -5.95 18.09 10.90
C GLN A 17 -6.29 19.09 12.04
N ALA A 18 -7.17 20.06 11.76
CA ALA A 18 -7.57 21.03 12.75
C ALA A 18 -8.20 20.35 13.95
N PHE A 19 -9.05 19.33 13.75
CA PHE A 19 -9.65 18.60 14.81
C PHE A 19 -8.59 17.92 15.72
N LEU A 20 -7.70 17.18 15.09
CA LEU A 20 -6.69 16.44 15.83
C LEU A 20 -5.78 17.41 16.60
N LEU A 21 -5.35 18.46 15.92
CA LEU A 21 -4.46 19.46 16.63
C LEU A 21 -5.18 20.25 17.70
N ASP A 22 -6.38 20.76 17.41
CA ASP A 22 -7.20 21.40 18.45
C ASP A 22 -7.43 20.54 19.69
N GLN A 23 -7.69 19.25 19.48
CA GLN A 23 -7.91 18.32 20.56
C GLN A 23 -6.64 18.14 21.38
N LEU A 24 -5.46 18.10 20.74
CA LEU A 24 -4.18 17.98 21.47
C LEU A 24 -4.01 19.15 22.45
N GLN A 25 -4.32 20.34 21.97
CA GLN A 25 -4.35 21.55 22.81
C GLN A 25 -5.38 21.50 23.91
N SER A 26 -6.61 21.17 23.62
CA SER A 26 -7.63 21.27 24.65
C SER A 26 -7.66 20.11 25.59
N LYS A 27 -7.21 18.93 25.19
CA LYS A 27 -7.31 17.79 26.08
C LYS A 27 -6.01 17.10 26.41
N TYR A 28 -4.95 17.34 25.63
CA TYR A 28 -3.68 16.62 25.82
C TYR A 28 -2.53 17.57 26.25
N GLU A 29 -2.88 18.80 26.60
CA GLU A 29 -1.98 19.75 27.25
C GLU A 29 -0.80 20.07 26.40
N ILE A 30 -0.97 20.01 25.09
CA ILE A 30 0.14 20.23 24.22
C ILE A 30 0.36 21.70 24.14
N ASP A 31 1.57 22.07 23.79
CA ASP A 31 2.00 23.45 23.66
C ASP A 31 2.13 23.72 22.18
N PRO A 32 2.09 25.01 21.76
CA PRO A 32 2.14 25.35 20.34
C PRO A 32 3.25 24.76 19.53
N ASN A 33 4.43 24.62 20.08
CA ASN A 33 5.56 24.24 19.26
C ASN A 33 5.53 22.74 18.94
N ARG A 34 5.10 21.98 19.90
CA ARG A 34 4.86 20.54 19.69
C ARG A 34 3.69 20.30 18.77
N ALA A 35 2.67 21.17 18.84
CA ALA A 35 1.59 21.11 17.89
C ALA A 35 2.02 21.38 16.46
N ARG A 36 2.91 22.37 16.30
CA ARG A 36 3.49 22.66 14.99
C ARG A 36 4.37 21.52 14.46
N TYR A 37 5.17 20.95 15.36
CA TYR A 37 5.94 19.79 14.98
C TYR A 37 4.98 18.70 14.43
N LEU A 38 3.95 18.35 15.16
CA LEU A 38 3.01 17.28 14.70
C LEU A 38 2.24 17.66 13.41
N ARG A 39 1.95 18.94 13.24
CA ARG A 39 1.33 19.46 12.02
C ARG A 39 2.25 19.29 10.88
N ILE A 40 3.54 19.68 11.05
CA ILE A 40 4.49 19.45 9.96
C ILE A 40 4.69 17.93 9.68
N MET A 41 4.73 17.15 10.75
CA MET A 41 4.88 15.69 10.60
C MET A 41 3.71 15.15 9.76
N MET A 42 2.48 15.56 10.09
CA MET A 42 1.31 15.07 9.40
C MET A 42 1.40 15.40 7.94
N ASP A 43 1.60 16.69 7.61
CA ASP A 43 1.72 17.09 6.21
C ASP A 43 2.87 16.45 5.48
N THR A 44 4.01 16.26 6.14
CA THR A 44 5.15 15.75 5.40
C THR A 44 4.92 14.30 5.16
N THR A 45 4.25 13.58 6.06
CA THR A 45 4.08 12.13 5.88
C THR A 45 2.80 11.72 5.16
N CYS A 46 1.78 12.57 5.20
CA CYS A 46 0.49 12.18 4.62
C CYS A 46 0.17 12.79 3.28
N LEU A 47 0.79 13.95 2.93
CA LEU A 47 0.41 14.67 1.72
C LEU A 47 1.49 14.47 0.69
N GLY A 48 1.12 14.59 -0.56
CA GLY A 48 2.12 14.70 -1.61
C GLY A 48 2.10 13.57 -2.59
N GLY A 49 1.40 12.49 -2.30
CA GLY A 49 1.16 11.43 -3.27
C GLY A 49 -0.11 11.66 -4.06
N LYS A 50 -0.60 10.60 -4.70
CA LYS A 50 -1.77 10.69 -5.59
C LYS A 50 -3.11 10.48 -4.85
N TYR A 51 -3.03 9.99 -3.62
CA TYR A 51 -4.21 9.71 -2.81
C TYR A 51 -5.05 8.67 -3.47
N PHE A 52 -4.44 7.77 -4.18
CA PHE A 52 -5.18 6.73 -4.81
C PHE A 52 -6.02 5.96 -3.80
N ARG A 53 -5.46 5.59 -2.66
CA ARG A 53 -6.20 4.74 -1.74
C ARG A 53 -7.38 5.51 -1.12
N GLY A 54 -7.14 6.73 -0.68
CA GLY A 54 -8.16 7.54 -0.04
C GLY A 54 -9.25 7.88 -1.04
N MET A 55 -8.83 8.26 -2.23
CA MET A 55 -9.77 8.64 -3.27
C MET A 55 -10.63 7.45 -3.72
N THR A 56 -10.16 6.19 -3.59
CA THR A 56 -10.98 5.10 -3.99
C THR A 56 -12.24 5.01 -3.09
N VAL A 57 -12.10 5.26 -1.81
CA VAL A 57 -13.28 5.25 -0.94
C VAL A 57 -14.35 6.28 -1.38
N VAL A 58 -13.87 7.47 -1.72
CA VAL A 58 -14.72 8.54 -2.28
C VAL A 58 -15.35 8.08 -3.60
N ASN A 59 -14.56 7.51 -4.49
CA ASN A 59 -15.09 7.08 -5.77
C ASN A 59 -16.17 5.96 -5.66
N VAL A 60 -15.93 4.96 -4.81
CA VAL A 60 -16.89 3.91 -4.60
C VAL A 60 -18.20 4.58 -4.07
N ALA A 61 -18.10 5.54 -3.11
CA ALA A 61 -19.29 6.13 -2.48
C ALA A 61 -20.10 7.03 -3.47
N GLU A 62 -19.40 7.85 -4.24
CA GLU A 62 -19.97 8.62 -5.37
C GLU A 62 -20.71 7.72 -6.35
N GLY A 63 -20.17 6.53 -6.61
CA GLY A 63 -20.80 5.51 -7.49
C GLY A 63 -22.17 5.12 -6.98
N PHE A 64 -22.25 4.69 -5.72
CA PHE A 64 -23.49 4.37 -5.10
C PHE A 64 -24.39 5.56 -4.93
N LEU A 65 -23.84 6.75 -4.67
CA LEU A 65 -24.70 7.95 -4.60
C LEU A 65 -25.55 8.15 -5.88
N ALA A 66 -25.00 7.83 -7.04
CA ALA A 66 -25.68 8.13 -8.30
C ALA A 66 -26.88 7.24 -8.52
N VAL A 67 -26.95 6.13 -7.82
CA VAL A 67 -28.06 5.17 -8.00
C VAL A 67 -28.91 4.91 -6.77
N THR A 68 -28.82 5.77 -5.75
CA THR A 68 -29.49 5.49 -4.49
C THR A 68 -30.16 6.78 -4.11
N GLN A 69 -31.37 6.66 -3.62
CA GLN A 69 -32.14 7.84 -3.28
C GLN A 69 -31.78 8.29 -1.86
N HIS A 70 -31.48 9.58 -1.73
CA HIS A 70 -31.00 10.15 -0.48
C HIS A 70 -31.41 11.62 -0.41
N ASP A 71 -31.65 12.14 0.78
CA ASP A 71 -31.70 13.60 0.98
C ASP A 71 -30.31 14.15 0.66
N GLU A 72 -30.24 15.38 0.16
CA GLU A 72 -28.99 16.09 0.03
C GLU A 72 -28.06 16.07 1.29
N ALA A 73 -28.56 16.39 2.48
CA ALA A 73 -27.73 16.31 3.68
C ALA A 73 -27.18 14.90 3.85
N THR A 74 -27.92 13.89 3.40
CA THR A 74 -27.44 12.51 3.52
C THR A 74 -26.34 12.27 2.48
N LYS A 75 -26.50 12.75 1.25
CA LYS A 75 -25.41 12.67 0.30
C LYS A 75 -24.15 13.31 0.88
N GLU A 76 -24.28 14.46 1.50
CA GLU A 76 -23.15 15.14 2.05
C GLU A 76 -22.45 14.40 3.17
N ARG A 77 -23.25 13.79 4.05
CA ARG A 77 -22.70 13.06 5.17
C ARG A 77 -21.86 11.83 4.65
N ILE A 78 -22.39 11.14 3.64
CA ILE A 78 -21.74 9.94 3.08
C ILE A 78 -20.44 10.35 2.40
N LEU A 79 -20.46 11.49 1.69
CA LEU A 79 -19.21 11.96 1.07
C LEU A 79 -18.19 12.34 2.15
N HIS A 80 -18.65 13.00 3.21
CA HIS A 80 -17.76 13.39 4.30
C HIS A 80 -17.22 12.15 4.99
N ASP A 81 -18.07 11.16 5.20
CA ASP A 81 -17.65 9.85 5.77
C ASP A 81 -16.62 9.12 4.88
N ALA A 82 -16.83 9.14 3.57
CA ALA A 82 -15.95 8.59 2.60
C ALA A 82 -14.58 9.27 2.57
N CYS A 83 -14.58 10.60 2.72
CA CYS A 83 -13.35 11.35 2.88
C CYS A 83 -12.59 11.01 4.18
N VAL A 84 -13.28 10.95 5.30
CA VAL A 84 -12.64 10.68 6.54
C VAL A 84 -12.08 9.26 6.50
N GLY A 85 -12.87 8.34 6.01
CA GLY A 85 -12.44 6.99 5.78
C GLY A 85 -11.18 6.85 4.90
N GLY A 86 -11.19 7.51 3.78
CA GLY A 86 -9.99 7.58 2.95
C GLY A 86 -8.73 8.10 3.65
N TRP A 87 -8.89 9.18 4.40
CA TRP A 87 -7.81 9.67 5.24
C TRP A 87 -7.32 8.67 6.26
N MET A 88 -8.21 7.89 6.85
CA MET A 88 -7.75 6.86 7.71
C MET A 88 -6.77 5.94 6.94
N ILE A 89 -7.09 5.57 5.71
CA ILE A 89 -6.24 4.65 4.95
C ILE A 89 -4.93 5.35 4.58
N GLU A 90 -5.02 6.65 4.23
CA GLU A 90 -3.84 7.43 3.92
C GLU A 90 -2.88 7.54 5.10
N PHE A 91 -3.43 7.77 6.27
CA PHE A 91 -2.64 7.94 7.45
C PHE A 91 -2.09 6.54 7.86
N LEU A 92 -2.81 5.47 7.55
CA LEU A 92 -2.35 4.10 7.82
C LEU A 92 -1.14 3.82 6.96
N GLN A 93 -1.23 4.24 5.73
CA GLN A 93 -0.11 4.09 4.85
C GLN A 93 1.06 4.95 5.30
N ALA A 94 0.81 6.19 5.67
CA ALA A 94 1.85 7.06 6.14
C ALA A 94 2.62 6.41 7.34
N HIS A 95 1.89 5.86 8.30
CA HIS A 95 2.47 5.00 9.37
C HIS A 95 3.44 3.94 8.85
N TYR A 96 2.94 3.11 7.96
CA TYR A 96 3.74 2.09 7.33
C TYR A 96 4.98 2.58 6.59
N LEU A 97 4.88 3.69 5.88
CA LEU A 97 5.97 4.23 5.15
C LEU A 97 7.04 4.83 6.04
N VAL A 98 6.64 5.55 7.10
CA VAL A 98 7.59 6.08 8.04
C VAL A 98 8.37 4.89 8.69
N GLU A 99 7.67 3.87 9.16
CA GLU A 99 8.33 2.82 9.94
C GLU A 99 9.20 1.93 9.02
N ASP A 100 8.68 1.63 7.83
CA ASP A 100 9.40 0.88 6.82
C ASP A 100 10.68 1.59 6.41
N ASP A 101 10.61 2.90 6.21
CA ASP A 101 11.79 3.67 5.80
C ASP A 101 12.92 3.55 6.87
N ILE A 102 12.56 3.60 8.12
CA ILE A 102 13.44 3.44 9.23
C ILE A 102 13.96 2.02 9.29
N MET A 103 13.06 1.05 9.17
CA MET A 103 13.43 -0.37 9.18
C MET A 103 14.45 -0.68 8.06
N ASP A 104 14.25 -0.11 6.88
CA ASP A 104 15.05 -0.51 5.74
C ASP A 104 16.19 0.43 5.51
N GLY A 105 16.41 1.40 6.38
CA GLY A 105 17.43 2.41 6.18
C GLY A 105 17.24 3.17 4.90
N SER A 106 16.00 3.43 4.47
CA SER A 106 15.83 4.21 3.25
C SER A 106 16.31 5.64 3.38
N VAL A 107 16.51 6.26 2.23
CA VAL A 107 17.13 7.56 2.13
C VAL A 107 16.08 8.58 1.69
N MET A 108 15.42 8.32 0.56
CA MET A 108 14.46 9.20 -0.05
C MET A 108 13.11 8.54 -0.22
N ARG A 109 12.08 9.35 -0.20
CA ARG A 109 10.78 8.91 -0.75
C ARG A 109 10.01 10.09 -1.32
N ARG A 110 9.53 9.93 -2.55
CA ARG A 110 8.89 11.02 -3.33
C ARG A 110 9.90 12.16 -3.57
N GLY A 111 11.14 11.80 -3.89
CA GLY A 111 12.20 12.80 -4.16
C GLY A 111 12.48 13.74 -3.01
N LYS A 112 12.05 13.37 -1.80
CA LYS A 112 12.36 14.12 -0.60
C LYS A 112 12.95 13.12 0.41
N PRO A 113 13.62 13.64 1.43
CA PRO A 113 14.24 12.73 2.37
C PRO A 113 13.19 11.96 3.17
N CYS A 114 13.48 10.72 3.55
CA CYS A 114 12.63 10.04 4.50
C CYS A 114 12.47 10.84 5.81
N TRP A 115 11.29 10.73 6.42
CA TRP A 115 10.97 11.47 7.62
C TRP A 115 12.00 11.37 8.73
N TYR A 116 12.44 10.17 9.02
CA TYR A 116 13.41 10.03 10.08
C TYR A 116 14.74 10.77 9.82
N ARG A 117 15.04 11.04 8.55
CA ARG A 117 16.28 11.77 8.15
C ARG A 117 16.20 13.27 8.21
N PHE A 118 15.01 13.83 8.40
CA PHE A 118 14.90 15.26 8.69
C PHE A 118 15.79 15.61 9.94
N PRO A 119 16.52 16.73 9.88
CA PRO A 119 17.51 16.96 10.96
C PRO A 119 16.94 17.07 12.40
N GLY A 120 15.78 17.74 12.54
CA GLY A 120 15.10 17.86 13.81
C GLY A 120 14.18 16.72 14.24
N VAL A 121 14.14 15.65 13.44
CA VAL A 121 13.33 14.46 13.73
C VAL A 121 14.17 13.33 14.34
N THR A 122 14.97 12.66 13.54
CA THR A 122 15.77 11.49 13.98
C THR A 122 14.88 10.28 14.24
N THR A 123 15.55 9.14 14.39
CA THR A 123 14.87 7.86 14.48
C THR A 123 14.11 7.82 15.78
N GLN A 124 14.70 8.39 16.83
CA GLN A 124 14.15 8.37 18.15
C GLN A 124 12.76 9.00 18.12
N CYS A 125 12.59 10.10 17.40
CA CYS A 125 11.26 10.67 17.35
C CYS A 125 10.44 10.00 16.27
N ALA A 126 11.05 9.71 15.12
CA ALA A 126 10.26 9.21 13.98
C ALA A 126 9.53 7.90 14.25
N ILE A 127 10.13 6.99 15.03
CA ILE A 127 9.40 5.70 15.29
C ILE A 127 8.11 6.03 16.05
N ASN A 128 8.21 6.92 17.03
CA ASN A 128 7.02 7.36 17.75
C ASN A 128 6.07 8.19 16.87
N ASP A 129 6.58 9.06 16.01
CA ASP A 129 5.70 9.80 15.09
C ASP A 129 4.84 8.80 14.24
N GLY A 130 5.48 7.74 13.76
CA GLY A 130 4.78 6.75 12.97
C GLY A 130 3.67 6.02 13.79
N ILE A 131 3.91 5.82 15.09
CA ILE A 131 2.92 5.27 16.00
C ILE A 131 1.69 6.22 16.11
N ILE A 132 1.99 7.51 16.20
CA ILE A 132 0.99 8.53 16.33
C ILE A 132 0.15 8.53 15.07
N LEU A 133 0.75 8.53 13.88
CA LEU A 133 0.00 8.46 12.62
C LEU A 133 -1.09 7.39 12.63
N LYS A 134 -0.73 6.23 13.13
CA LYS A 134 -1.74 5.13 13.15
C LYS A 134 -2.76 5.40 14.26
N SER A 135 -2.32 5.91 15.42
CA SER A 135 -3.27 6.22 16.45
C SER A 135 -4.29 7.26 15.97
N TRP A 136 -3.84 8.23 15.19
CA TRP A 136 -4.73 9.21 14.62
C TRP A 136 -5.91 8.61 13.80
N THR A 137 -5.68 7.46 13.14
CA THR A 137 -6.70 6.78 12.34
C THR A 137 -7.86 6.39 13.25
N GLN A 138 -7.56 5.94 14.47
CA GLN A 138 -8.56 5.50 15.43
C GLN A 138 -9.28 6.70 16.06
N ILE A 139 -8.54 7.77 16.35
CA ILE A 139 -9.11 8.98 16.91
C ILE A 139 -10.10 9.49 15.91
N MET A 140 -9.73 9.56 14.62
CA MET A 140 -10.68 9.94 13.57
C MET A 140 -11.93 9.09 13.53
N ALA A 141 -11.74 7.79 13.45
CA ALA A 141 -12.90 6.87 13.40
C ALA A 141 -13.86 7.05 14.62
N TRP A 142 -13.34 7.07 15.84
CA TRP A 142 -14.26 7.17 17.01
C TRP A 142 -14.95 8.51 17.07
N HIS A 143 -14.27 9.55 16.59
CA HIS A 143 -14.87 10.86 16.53
C HIS A 143 -15.91 10.99 15.42
N TYR A 144 -15.55 10.80 14.18
CA TYR A 144 -16.47 11.10 13.09
C TYR A 144 -17.54 10.05 12.90
N PHE A 145 -17.26 8.81 13.29
CA PHE A 145 -18.18 7.70 13.01
C PHE A 145 -18.88 7.15 14.29
N ALA A 146 -18.87 7.91 15.38
CA ALA A 146 -19.29 7.44 16.72
C ALA A 146 -20.71 6.86 16.74
N ASP A 147 -21.61 7.52 16.05
CA ASP A 147 -23.00 7.06 16.02
C ASP A 147 -23.34 6.26 14.67
N ARG A 148 -22.35 5.88 13.86
CA ARG A 148 -22.64 5.30 12.57
C ARG A 148 -22.92 3.81 12.72
N PRO A 149 -23.90 3.32 11.97
CA PRO A 149 -24.24 1.91 12.03
C PRO A 149 -23.04 1.04 11.60
N PHE A 150 -22.14 1.57 10.78
CA PHE A 150 -21.02 0.83 10.23
C PHE A 150 -19.73 0.91 11.07
N LEU A 151 -19.77 1.63 12.20
CA LEU A 151 -18.60 1.79 13.14
C LEU A 151 -17.92 0.49 13.45
N LYS A 152 -18.66 -0.51 13.97
CA LYS A 152 -17.97 -1.74 14.36
C LYS A 152 -17.37 -2.49 13.17
N ASP A 153 -18.08 -2.55 12.07
CA ASP A 153 -17.59 -3.30 10.94
C ASP A 153 -16.37 -2.61 10.35
N LEU A 154 -16.42 -1.27 10.28
CA LEU A 154 -15.25 -0.47 9.84
C LEU A 154 -14.06 -0.66 10.75
N LEU A 155 -14.25 -0.53 12.06
CA LEU A 155 -13.10 -0.72 12.96
C LEU A 155 -12.54 -2.13 12.84
N CYS A 156 -13.41 -3.12 12.70
CA CYS A 156 -12.98 -4.52 12.71
C CYS A 156 -12.16 -4.84 11.43
N LEU A 157 -12.65 -4.33 10.29
CA LEU A 157 -11.97 -4.44 8.99
C LEU A 157 -10.60 -3.74 9.00
N PHE A 158 -10.58 -2.53 9.55
CA PHE A 158 -9.37 -1.73 9.61
C PHE A 158 -8.29 -2.46 10.41
N GLN A 159 -8.72 -3.02 11.54
N GLN A 159 -8.69 -3.04 11.57
CA GLN A 159 -7.93 -3.79 12.45
CA GLN A 159 -7.79 -3.82 12.42
C GLN A 159 -7.28 -5.01 11.75
C GLN A 159 -7.22 -4.99 11.64
N LYS A 160 -8.10 -5.79 11.06
CA LYS A 160 -7.63 -6.95 10.27
C LYS A 160 -6.63 -6.58 9.10
N VAL A 161 -6.93 -5.52 8.38
CA VAL A 161 -6.07 -5.06 7.34
C VAL A 161 -4.74 -4.62 7.91
N ASP A 162 -4.78 -3.89 9.01
CA ASP A 162 -3.56 -3.45 9.60
C ASP A 162 -2.67 -4.63 10.05
N TYR A 163 -3.24 -5.61 10.75
CA TYR A 163 -2.52 -6.78 11.16
C TYR A 163 -1.93 -7.57 9.95
N ALA A 164 -2.77 -7.78 8.94
CA ALA A 164 -2.36 -8.39 7.68
C ALA A 164 -1.16 -7.68 7.07
N THR A 165 -1.18 -6.35 7.09
CA THR A 165 -0.07 -5.58 6.59
C THR A 165 1.20 -5.78 7.35
N ALA A 166 1.11 -5.77 8.68
CA ALA A 166 2.25 -6.01 9.52
C ALA A 166 2.76 -7.42 9.30
N VAL A 167 1.84 -8.39 9.15
CA VAL A 167 2.28 -9.77 8.82
C VAL A 167 3.03 -9.81 7.46
N GLY A 168 2.51 -9.09 6.51
CA GLY A 168 3.14 -8.89 5.23
C GLY A 168 4.51 -8.28 5.27
N GLN A 169 4.65 -7.26 6.10
CA GLN A 169 5.92 -6.69 6.32
C GLN A 169 6.90 -7.75 6.83
N MET A 170 6.49 -8.56 7.78
CA MET A 170 7.36 -9.62 8.29
C MET A 170 7.79 -10.62 7.18
N TYR A 171 6.87 -10.99 6.30
CA TYR A 171 7.17 -11.84 5.16
C TYR A 171 8.17 -11.24 4.22
N ASP A 172 8.02 -9.94 4.02
CA ASP A 172 8.87 -9.17 3.16
C ASP A 172 10.29 -9.05 3.70
N VAL A 173 10.44 -8.70 4.95
CA VAL A 173 11.74 -8.49 5.53
C VAL A 173 12.48 -9.77 5.74
N THR A 174 11.75 -10.89 5.73
CA THR A 174 12.39 -12.20 6.00
C THR A 174 12.52 -13.04 4.70
N SER A 175 12.27 -12.42 3.54
CA SER A 175 12.03 -13.12 2.28
C SER A 175 13.35 -13.60 1.64
N MET A 176 14.46 -12.95 1.97
CA MET A 176 15.81 -13.41 1.65
C MET A 176 16.44 -14.44 2.60
N CYS A 177 15.75 -14.84 3.67
CA CYS A 177 16.22 -15.88 4.60
C CYS A 177 15.69 -17.22 4.20
N ASP A 178 16.34 -18.28 4.70
CA ASP A 178 15.77 -19.66 4.58
C ASP A 178 14.88 -19.85 5.77
N SER A 179 13.61 -20.15 5.52
CA SER A 179 12.68 -20.31 6.65
C SER A 179 13.18 -21.20 7.78
N ASN A 180 13.80 -22.31 7.41
CA ASN A 180 14.27 -23.30 8.39
C ASN A 180 15.43 -22.78 9.23
N LYS A 181 16.08 -21.70 8.80
CA LYS A 181 17.09 -21.01 9.63
C LYS A 181 16.61 -19.82 10.51
N LEU A 182 15.38 -19.29 10.34
CA LEU A 182 14.85 -18.18 11.20
C LEU A 182 14.96 -18.54 12.65
N ASP A 183 15.50 -17.62 13.41
CA ASP A 183 15.86 -17.91 14.77
C ASP A 183 16.31 -16.63 15.43
N PRO A 184 15.55 -16.17 16.44
CA PRO A 184 15.95 -14.91 17.05
C PRO A 184 17.33 -14.95 17.69
N GLU A 185 17.80 -16.13 18.07
CA GLU A 185 19.10 -16.27 18.66
C GLU A 185 20.23 -16.18 17.67
N VAL A 186 20.01 -16.33 16.37
CA VAL A 186 21.11 -16.47 15.41
C VAL A 186 20.95 -15.51 14.23
N ALA A 187 22.03 -14.78 13.96
CA ALA A 187 22.07 -13.76 12.90
C ALA A 187 21.78 -14.45 11.62
N GLN A 188 20.95 -13.80 10.82
CA GLN A 188 20.31 -14.50 9.72
C GLN A 188 21.12 -14.35 8.45
N PRO A 189 21.62 -15.48 7.91
CA PRO A 189 22.31 -15.46 6.63
C PRO A 189 21.32 -15.30 5.46
N MET A 190 21.68 -14.55 4.45
CA MET A 190 20.96 -14.56 3.18
C MET A 190 20.93 -16.00 2.60
N THR A 191 19.84 -16.33 1.88
CA THR A 191 19.69 -17.61 1.26
C THR A 191 20.82 -17.81 0.30
N THR A 192 21.29 -19.08 0.19
CA THR A 192 22.26 -19.49 -0.86
C THR A 192 21.61 -20.23 -1.99
N ASP A 193 20.55 -21.03 -1.70
CA ASP A 193 19.87 -21.80 -2.76
C ASP A 193 18.73 -21.06 -3.49
N PHE A 194 18.22 -19.97 -2.91
CA PHE A 194 17.07 -19.24 -3.46
C PHE A 194 15.85 -20.13 -3.75
N ALA A 195 15.70 -21.21 -3.00
CA ALA A 195 14.59 -22.17 -3.16
C ALA A 195 13.21 -21.60 -2.79
N GLU A 196 13.24 -20.55 -1.98
CA GLU A 196 12.03 -19.89 -1.55
C GLU A 196 11.68 -18.71 -2.42
N PHE A 197 12.34 -18.56 -3.56
CA PHE A 197 11.98 -17.51 -4.51
C PHE A 197 11.07 -18.15 -5.56
N THR A 198 9.81 -18.40 -5.18
CA THR A 198 8.86 -18.99 -6.05
C THR A 198 7.66 -18.05 -6.25
N PRO A 199 6.90 -18.24 -7.34
CA PRO A 199 5.65 -17.52 -7.53
C PRO A 199 4.72 -17.52 -6.29
N ALA A 200 4.56 -18.65 -5.59
CA ALA A 200 3.56 -18.76 -4.54
C ALA A 200 4.07 -17.98 -3.33
N ILE A 201 5.40 -17.94 -3.15
CA ILE A 201 5.95 -17.30 -1.99
C ILE A 201 5.97 -15.78 -2.18
N TYR A 202 6.42 -15.37 -3.37
CA TYR A 202 6.24 -14.03 -3.86
C TYR A 202 4.81 -13.57 -3.67
N LYS A 203 3.87 -14.35 -4.18
CA LYS A 203 2.48 -13.99 -4.05
C LYS A 203 2.06 -13.79 -2.60
N ARG A 204 2.58 -14.58 -1.69
CA ARG A 204 2.14 -14.44 -0.32
C ARG A 204 2.68 -13.11 0.25
N ILE A 205 3.93 -12.77 -0.02
CA ILE A 205 4.44 -11.49 0.46
C ILE A 205 3.56 -10.34 -0.03
N VAL A 206 3.26 -10.30 -1.32
CA VAL A 206 2.55 -9.19 -1.88
C VAL A 206 1.10 -9.07 -1.37
N LYS A 207 0.45 -10.22 -1.18
CA LYS A 207 -0.92 -10.26 -0.71
C LYS A 207 -1.00 -9.57 0.67
N TYR A 208 -0.14 -9.99 1.59
CA TYR A 208 -0.17 -9.45 2.96
C TYR A 208 0.39 -8.04 3.01
N LYS A 209 1.53 -7.80 2.36
CA LYS A 209 2.23 -6.50 2.45
C LYS A 209 1.53 -5.30 1.81
N THR A 210 0.72 -5.52 0.76
CA THR A 210 0.25 -4.45 -0.13
C THR A 210 -1.23 -4.47 -0.43
N THR A 211 -1.74 -5.64 -0.78
CA THR A 211 -3.05 -5.68 -1.47
C THR A 211 -4.21 -5.38 -0.51
N PHE A 212 -4.10 -5.87 0.71
CA PHE A 212 -5.14 -5.67 1.70
C PHE A 212 -5.35 -4.21 2.01
N TYR A 213 -4.27 -3.45 2.18
CA TYR A 213 -4.36 -2.00 2.50
C TYR A 213 -4.50 -1.11 1.28
N THR A 214 -3.99 -1.58 0.12
CA THR A 214 -4.01 -0.76 -1.06
C THR A 214 -5.29 -0.94 -1.85
N TYR A 215 -5.80 -2.16 -1.94
CA TYR A 215 -7.00 -2.42 -2.76
C TYR A 215 -8.22 -2.91 -2.01
N LEU A 216 -8.05 -3.88 -1.11
CA LEU A 216 -9.15 -4.40 -0.39
C LEU A 216 -9.83 -3.34 0.49
N LEU A 217 -9.04 -2.73 1.35
CA LEU A 217 -9.54 -1.72 2.30
C LEU A 217 -10.28 -0.53 1.68
N PRO A 218 -9.71 0.11 0.68
CA PRO A 218 -10.41 1.22 0.10
C PRO A 218 -11.74 0.81 -0.53
N LEU A 219 -11.74 -0.30 -1.28
CA LEU A 219 -13.01 -0.80 -1.86
C LEU A 219 -14.05 -1.11 -0.76
N VAL A 220 -13.70 -1.89 0.23
CA VAL A 220 -14.68 -2.31 1.23
C VAL A 220 -15.12 -1.14 2.14
N MET A 221 -14.22 -0.20 2.39
CA MET A 221 -14.55 0.98 3.17
C MET A 221 -15.60 1.80 2.44
N GLY A 222 -15.41 1.91 1.13
CA GLY A 222 -16.39 2.52 0.22
C GLY A 222 -17.77 1.91 0.39
N LEU A 223 -17.80 0.60 0.36
CA LEU A 223 -19.06 -0.12 0.57
C LEU A 223 -19.65 0.16 1.97
N LEU A 224 -18.80 0.17 3.01
CA LEU A 224 -19.28 0.34 4.40
C LEU A 224 -19.92 1.69 4.67
N VAL A 225 -19.29 2.75 4.17
CA VAL A 225 -19.79 4.11 4.37
C VAL A 225 -21.04 4.42 3.54
N SER A 226 -21.22 3.69 2.45
CA SER A 226 -22.40 3.68 1.63
C SER A 226 -23.52 2.72 2.10
N GLU A 227 -23.32 2.03 3.19
CA GLU A 227 -24.21 0.98 3.63
C GLU A 227 -24.62 0.02 2.50
N ALA A 228 -23.64 -0.45 1.74
CA ALA A 228 -23.85 -1.13 0.48
C ALA A 228 -23.15 -2.52 0.42
N ALA A 229 -22.68 -3.02 1.55
CA ALA A 229 -21.97 -4.30 1.53
C ALA A 229 -22.83 -5.44 0.93
N ALA A 230 -24.16 -5.29 1.00
CA ALA A 230 -25.07 -6.23 0.32
C ALA A 230 -25.22 -6.08 -1.22
N SER A 231 -24.52 -5.17 -1.87
CA SER A 231 -24.52 -5.17 -3.33
C SER A 231 -23.40 -6.02 -3.90
N VAL A 232 -22.67 -6.75 -3.06
CA VAL A 232 -21.49 -7.45 -3.53
C VAL A 232 -21.31 -8.79 -2.87
N GLU A 233 -20.51 -9.57 -3.56
CA GLU A 233 -20.14 -10.87 -3.13
C GLU A 233 -18.71 -10.66 -2.60
N MET A 234 -18.59 -10.67 -1.30
CA MET A 234 -17.36 -10.29 -0.68
C MET A 234 -16.20 -11.21 -1.10
N ASN A 235 -16.48 -12.50 -1.42
CA ASN A 235 -15.39 -13.35 -1.98
C ASN A 235 -14.86 -12.82 -3.36
N LEU A 236 -15.75 -12.27 -4.18
CA LEU A 236 -15.32 -11.65 -5.41
C LEU A 236 -14.48 -10.44 -5.19
N VAL A 237 -14.85 -9.63 -4.20
CA VAL A 237 -14.12 -8.38 -3.96
C VAL A 237 -12.72 -8.74 -3.52
N GLU A 238 -12.61 -9.69 -2.60
CA GLU A 238 -11.31 -10.18 -2.16
C GLU A 238 -10.44 -10.69 -3.32
N ARG A 239 -11.00 -11.60 -4.13
CA ARG A 239 -10.28 -12.18 -5.27
C ARG A 239 -9.83 -11.08 -6.23
N VAL A 240 -10.73 -10.16 -6.58
CA VAL A 240 -10.33 -9.09 -7.54
C VAL A 240 -9.24 -8.15 -6.98
N ALA A 241 -9.33 -7.89 -5.70
CA ALA A 241 -8.33 -7.08 -5.00
C ALA A 241 -6.97 -7.74 -5.00
N HIS A 242 -6.96 -9.02 -4.63
CA HIS A 242 -5.77 -9.89 -4.69
C HIS A 242 -5.07 -9.70 -6.02
N LEU A 243 -5.84 -9.84 -7.09
CA LEU A 243 -5.32 -9.81 -8.47
C LEU A 243 -4.74 -8.49 -8.83
N ILE A 244 -5.52 -7.44 -8.56
CA ILE A 244 -5.07 -6.15 -8.99
C ILE A 244 -3.86 -5.75 -8.14
N GLY A 245 -3.95 -6.02 -6.85
CA GLY A 245 -2.87 -5.74 -5.94
C GLY A 245 -1.56 -6.44 -6.35
N GLU A 246 -1.61 -7.73 -6.67
CA GLU A 246 -0.41 -8.47 -7.09
C GLU A 246 0.24 -7.80 -8.32
N TYR A 247 -0.62 -7.52 -9.31
CA TYR A 247 -0.24 -6.71 -10.50
C TYR A 247 0.41 -5.35 -10.18
N PHE A 248 -0.20 -4.59 -9.29
CA PHE A 248 0.41 -3.33 -8.84
C PHE A 248 1.86 -3.58 -8.39
N GLN A 249 2.08 -4.62 -7.59
CA GLN A 249 3.41 -4.84 -7.07
C GLN A 249 4.41 -5.28 -8.12
N VAL A 250 3.94 -6.06 -9.08
CA VAL A 250 4.80 -6.46 -10.15
C VAL A 250 5.35 -5.25 -10.89
N GLN A 251 4.48 -4.27 -11.17
CA GLN A 251 4.89 -2.97 -11.73
C GLN A 251 5.96 -2.32 -10.87
N ASP A 252 5.67 -2.09 -9.58
CA ASP A 252 6.67 -1.43 -8.73
C ASP A 252 7.95 -2.22 -8.55
N ASP A 253 7.88 -3.55 -8.68
CA ASP A 253 9.11 -4.37 -8.69
C ASP A 253 9.93 -4.15 -9.97
N VAL A 254 9.26 -4.02 -11.10
CA VAL A 254 9.97 -3.73 -12.38
C VAL A 254 10.66 -2.34 -12.35
N MET A 255 9.94 -1.35 -11.84
CA MET A 255 10.45 0.03 -11.66
C MET A 255 11.62 0.20 -10.66
N ASP A 256 11.62 -0.58 -9.58
CA ASP A 256 12.71 -0.50 -8.59
C ASP A 256 14.07 -0.68 -9.28
N CYS A 257 14.10 -1.71 -10.13
CA CYS A 257 15.24 -2.05 -10.97
C CYS A 257 15.46 -1.03 -12.11
N PHE A 258 14.43 -0.75 -12.94
CA PHE A 258 14.61 -0.03 -14.26
C PHE A 258 14.20 1.48 -14.45
N THR A 259 13.35 2.06 -13.60
CA THR A 259 13.00 3.49 -13.67
C THR A 259 14.17 4.32 -13.15
N PRO A 260 14.63 5.35 -13.93
CA PRO A 260 15.65 6.29 -13.45
C PRO A 260 15.36 6.77 -12.00
N PRO A 261 16.40 6.91 -11.15
CA PRO A 261 16.15 7.33 -9.77
C PRO A 261 15.31 8.63 -9.59
N GLU A 262 15.69 9.71 -10.30
CA GLU A 262 14.95 11.01 -10.35
C GLU A 262 13.44 10.91 -10.59
N GLN A 263 13.05 10.01 -11.50
CA GLN A 263 11.68 9.82 -11.94
C GLN A 263 10.97 8.77 -11.08
N LEU A 264 11.74 7.87 -10.48
CA LEU A 264 11.23 6.93 -9.43
C LEU A 264 10.97 7.62 -8.08
N GLY A 265 11.75 8.65 -7.74
CA GLY A 265 11.63 9.31 -6.42
C GLY A 265 12.54 8.69 -5.36
N LYS A 266 13.37 7.74 -5.81
CA LYS A 266 14.15 6.82 -4.96
C LYS A 266 15.32 6.23 -5.84
N VAL A 267 16.50 6.01 -5.24
CA VAL A 267 17.46 5.00 -5.73
C VAL A 267 16.86 3.61 -5.32
N GLY A 268 16.59 2.73 -6.30
CA GLY A 268 16.19 1.34 -6.02
C GLY A 268 17.32 0.51 -5.40
N THR A 269 16.98 -0.32 -4.40
CA THR A 269 17.92 -1.27 -3.75
C THR A 269 17.45 -2.76 -3.62
N ASP A 270 16.36 -3.15 -4.34
CA ASP A 270 15.78 -4.55 -4.24
C ASP A 270 16.85 -5.67 -4.51
N ILE A 271 17.68 -5.41 -5.51
CA ILE A 271 18.82 -6.26 -5.82
C ILE A 271 19.73 -6.39 -4.60
N GLU A 272 20.17 -5.24 -4.07
CA GLU A 272 21.13 -5.22 -2.96
C GLU A 272 20.51 -5.65 -1.63
N ASP A 273 19.21 -5.41 -1.46
CA ASP A 273 18.51 -5.93 -0.26
C ASP A 273 18.13 -7.41 -0.40
N ALA A 274 18.45 -7.97 -1.57
CA ALA A 274 18.18 -9.36 -1.93
C ALA A 274 16.66 -9.68 -1.85
N LYS A 275 15.86 -8.74 -2.35
CA LYS A 275 14.42 -8.85 -2.29
C LYS A 275 13.89 -9.94 -3.22
N CYS A 276 12.86 -10.63 -2.74
CA CYS A 276 12.10 -11.53 -3.52
C CYS A 276 11.22 -10.67 -4.44
N SER A 277 11.82 -10.09 -5.47
CA SER A 277 11.08 -9.33 -6.48
C SER A 277 10.52 -10.24 -7.56
N TRP A 278 9.62 -9.72 -8.39
CA TRP A 278 9.05 -10.51 -9.46
C TRP A 278 10.15 -10.86 -10.47
N LEU A 279 11.04 -9.89 -10.71
CA LEU A 279 12.17 -10.04 -11.63
C LEU A 279 13.04 -11.22 -11.20
N ALA A 280 13.43 -11.28 -9.93
CA ALA A 280 14.25 -12.39 -9.48
C ALA A 280 13.54 -13.73 -9.58
N VAL A 281 12.26 -13.78 -9.18
CA VAL A 281 11.50 -15.03 -9.19
C VAL A 281 11.32 -15.52 -10.64
N THR A 282 10.92 -14.60 -11.50
CA THR A 282 10.63 -14.92 -12.89
C THR A 282 11.95 -15.29 -13.61
N PHE A 283 13.01 -14.52 -13.36
CA PHE A 283 14.33 -14.94 -13.83
C PHE A 283 14.75 -16.39 -13.41
N LEU A 284 14.56 -16.72 -12.14
CA LEU A 284 14.91 -18.06 -11.68
C LEU A 284 14.02 -19.17 -12.25
N GLY A 285 12.83 -18.79 -12.67
CA GLY A 285 11.87 -19.68 -13.25
C GLY A 285 12.18 -20.06 -14.69
N LYS A 286 13.14 -19.38 -15.33
CA LYS A 286 13.48 -19.69 -16.70
C LYS A 286 15.00 -19.76 -17.00
N ALA A 287 15.84 -19.52 -16.00
CA ALA A 287 17.29 -19.54 -16.18
C ALA A 287 17.83 -20.96 -16.43
N ASN A 288 18.96 -21.04 -17.13
CA ASN A 288 19.70 -22.31 -17.19
C ASN A 288 20.64 -22.37 -15.99
N ALA A 289 21.32 -23.50 -15.83
CA ALA A 289 22.15 -23.70 -14.67
C ALA A 289 23.27 -22.64 -14.55
N ALA A 290 23.91 -22.27 -15.66
CA ALA A 290 24.95 -21.26 -15.60
C ALA A 290 24.45 -19.87 -15.24
N GLN A 291 23.30 -19.48 -15.78
CA GLN A 291 22.60 -18.23 -15.34
C GLN A 291 22.27 -18.18 -13.82
N VAL A 292 21.81 -19.32 -13.26
CA VAL A 292 21.52 -19.42 -11.84
C VAL A 292 22.77 -19.26 -10.93
N ALA A 293 23.90 -19.86 -11.29
CA ALA A 293 25.14 -19.67 -10.54
C ALA A 293 25.66 -18.24 -10.59
N GLU A 294 25.47 -17.56 -11.72
CA GLU A 294 25.96 -16.18 -11.88
C GLU A 294 25.08 -15.26 -11.05
N PHE A 295 23.76 -15.43 -11.17
CA PHE A 295 22.81 -14.73 -10.29
C PHE A 295 23.24 -14.86 -8.80
N LYS A 296 23.48 -16.09 -8.39
CA LYS A 296 23.80 -16.35 -6.99
C LYS A 296 25.10 -15.68 -6.56
N ALA A 297 26.10 -15.66 -7.43
CA ALA A 297 27.35 -14.94 -7.15
C ALA A 297 27.21 -13.41 -6.93
N ASN A 298 26.15 -12.80 -7.46
CA ASN A 298 26.02 -11.34 -7.51
C ASN A 298 24.82 -10.70 -6.78
N TYR A 299 23.82 -11.50 -6.43
CA TYR A 299 22.61 -11.00 -5.78
C TYR A 299 22.82 -10.66 -4.29
N GLY A 300 22.13 -9.62 -3.87
CA GLY A 300 22.16 -9.20 -2.50
C GLY A 300 23.50 -8.63 -1.99
N GLU A 301 24.30 -8.06 -2.88
CA GLU A 301 25.58 -7.45 -2.54
C GLU A 301 25.50 -5.95 -2.85
N LYS A 302 25.98 -5.12 -1.93
CA LYS A 302 25.95 -3.68 -2.13
C LYS A 302 26.78 -3.27 -3.35
N ASP A 303 27.93 -3.92 -3.54
CA ASP A 303 28.85 -3.62 -4.65
C ASP A 303 28.13 -3.40 -5.99
N PRO A 304 28.24 -2.18 -6.54
CA PRO A 304 27.60 -1.71 -7.79
C PRO A 304 27.95 -2.54 -9.03
N ALA A 305 29.13 -3.14 -9.04
CA ALA A 305 29.54 -3.97 -10.18
C ALA A 305 28.71 -5.26 -10.21
N LYS A 306 28.48 -5.83 -9.03
CA LYS A 306 27.68 -7.05 -8.90
C LYS A 306 26.19 -6.80 -9.17
N VAL A 307 25.70 -5.62 -8.78
CA VAL A 307 24.30 -5.22 -9.06
C VAL A 307 24.15 -5.04 -10.59
N ALA A 308 25.15 -4.41 -11.22
CA ALA A 308 25.12 -4.20 -12.67
C ALA A 308 25.05 -5.55 -13.39
N VAL A 309 25.72 -6.57 -12.83
CA VAL A 309 25.64 -7.97 -13.34
C VAL A 309 24.22 -8.59 -13.21
N VAL A 310 23.57 -8.43 -12.05
CA VAL A 310 22.19 -8.94 -11.90
C VAL A 310 21.27 -8.24 -12.93
N LYS A 311 21.46 -6.93 -13.12
CA LYS A 311 20.67 -6.13 -14.09
C LYS A 311 20.87 -6.62 -15.50
N ARG A 312 22.11 -6.92 -15.81
CA ARG A 312 22.50 -7.57 -17.07
C ARG A 312 21.80 -8.91 -17.28
N LEU A 313 21.81 -9.75 -16.25
CA LEU A 313 21.16 -11.06 -16.37
C LEU A 313 19.65 -10.92 -16.68
N TYR A 314 18.99 -9.97 -16.02
CA TYR A 314 17.56 -9.78 -16.25
C TYR A 314 17.30 -9.26 -17.66
N SER A 315 18.14 -8.32 -18.08
CA SER A 315 18.11 -7.77 -19.44
C SER A 315 18.14 -8.83 -20.54
N LYS A 316 19.04 -9.79 -20.41
CA LYS A 316 19.21 -10.84 -21.43
C LYS A 316 18.27 -12.03 -21.24
N ALA A 317 17.49 -12.02 -20.14
CA ALA A 317 16.50 -13.08 -19.85
C ALA A 317 15.15 -12.95 -20.58
N ASN A 318 14.91 -11.80 -21.23
CA ASN A 318 13.68 -11.53 -22.00
C ASN A 318 12.47 -11.65 -21.06
N LEU A 319 12.55 -10.91 -19.99
CA LEU A 319 11.54 -10.92 -18.98
C LEU A 319 10.32 -10.21 -19.49
N GLN A 320 10.48 -9.29 -20.45
CA GLN A 320 9.34 -8.59 -21.07
C GLN A 320 8.31 -9.53 -21.62
N ALA A 321 8.75 -10.69 -22.11
CA ALA A 321 7.83 -11.68 -22.61
C ALA A 321 7.04 -12.28 -21.46
N ASP A 322 7.73 -12.57 -20.36
CA ASP A 322 7.04 -13.07 -19.18
C ASP A 322 6.10 -12.01 -18.65
N PHE A 323 6.50 -10.73 -18.66
CA PHE A 323 5.62 -9.64 -18.17
C PHE A 323 4.36 -9.44 -19.02
N ALA A 324 4.52 -9.42 -20.34
CA ALA A 324 3.36 -9.39 -21.28
C ALA A 324 2.41 -10.56 -21.07
N ALA A 325 2.95 -11.77 -20.95
CA ALA A 325 2.12 -12.97 -20.63
C ALA A 325 1.41 -12.88 -19.26
N TYR A 326 2.09 -12.30 -18.27
CA TYR A 326 1.48 -12.16 -16.94
C TYR A 326 0.38 -11.12 -17.05
N GLU A 327 0.71 -10.05 -17.75
CA GLU A 327 -0.17 -8.92 -17.95
C GLU A 327 -1.41 -9.36 -18.64
N ALA A 328 -1.24 -10.11 -19.72
CA ALA A 328 -2.38 -10.65 -20.47
C ALA A 328 -3.32 -11.51 -19.63
N GLU A 329 -2.78 -12.37 -18.82
CA GLU A 329 -3.56 -13.25 -17.94
C GLU A 329 -4.30 -12.46 -16.84
N VAL A 330 -3.64 -11.46 -16.23
CA VAL A 330 -4.29 -10.57 -15.25
C VAL A 330 -5.44 -9.78 -15.92
N VAL A 331 -5.18 -9.18 -17.08
CA VAL A 331 -6.24 -8.44 -17.79
C VAL A 331 -7.45 -9.37 -17.99
N ARG A 332 -7.13 -10.57 -18.41
CA ARG A 332 -8.11 -11.64 -18.60
C ARG A 332 -8.92 -11.93 -17.37
N GLU A 333 -8.24 -12.20 -16.26
CA GLU A 333 -8.92 -12.61 -15.06
C GLU A 333 -9.69 -11.47 -14.38
N VAL A 334 -9.20 -10.24 -14.52
CA VAL A 334 -9.83 -9.12 -13.85
C VAL A 334 -11.14 -8.81 -14.58
N GLU A 335 -11.13 -8.88 -15.93
CA GLU A 335 -12.37 -8.78 -16.73
C GLU A 335 -13.36 -9.81 -16.30
N SER A 336 -12.91 -11.05 -16.03
CA SER A 336 -13.83 -12.10 -15.57
C SER A 336 -14.47 -11.72 -14.24
N LEU A 337 -13.62 -11.28 -13.30
CA LEU A 337 -14.11 -10.82 -11.98
C LEU A 337 -15.00 -9.57 -12.08
N ILE A 338 -14.64 -8.61 -12.89
CA ILE A 338 -15.52 -7.44 -13.10
C ILE A 338 -16.89 -7.88 -13.60
N GLU A 339 -16.90 -8.85 -14.53
CA GLU A 339 -18.14 -9.41 -15.04
C GLU A 339 -18.94 -10.10 -13.98
N GLN A 340 -18.35 -11.04 -13.26
CA GLN A 340 -19.01 -11.63 -12.12
C GLN A 340 -19.56 -10.51 -11.09
N LEU A 341 -18.86 -9.38 -10.92
CA LEU A 341 -19.31 -8.28 -10.01
C LEU A 341 -20.43 -7.44 -10.64
N LYS A 342 -20.49 -7.39 -11.97
CA LYS A 342 -21.64 -6.75 -12.69
C LYS A 342 -23.03 -7.25 -12.31
N VAL A 343 -23.11 -8.52 -11.93
CA VAL A 343 -24.31 -9.25 -11.60
C VAL A 343 -25.05 -8.60 -10.44
N LYS A 344 -24.45 -8.62 -9.25
CA LYS A 344 -25.01 -7.86 -8.13
C LYS A 344 -24.84 -6.33 -8.28
N SER A 345 -23.65 -5.79 -8.56
CA SER A 345 -23.55 -4.32 -8.65
C SER A 345 -22.84 -3.81 -9.89
N PRO A 346 -23.63 -3.41 -10.89
CA PRO A 346 -23.09 -2.62 -12.01
C PRO A 346 -22.19 -1.48 -11.57
N THR A 347 -22.67 -0.75 -10.58
CA THR A 347 -21.95 0.40 -10.08
C THR A 347 -20.61 0.03 -9.39
N PHE A 348 -20.63 -0.92 -8.46
CA PHE A 348 -19.37 -1.35 -7.81
C PHE A 348 -18.40 -1.86 -8.85
N ALA A 349 -18.92 -2.67 -9.76
CA ALA A 349 -18.09 -3.25 -10.83
C ALA A 349 -17.43 -2.17 -11.67
N GLU A 350 -18.16 -1.09 -11.97
CA GLU A 350 -17.53 0.05 -12.61
C GLU A 350 -16.41 0.66 -11.76
N SER A 351 -16.67 0.81 -10.46
CA SER A 351 -15.66 1.34 -9.54
C SER A 351 -14.39 0.46 -9.55
N VAL A 352 -14.56 -0.85 -9.63
CA VAL A 352 -13.41 -1.77 -9.72
C VAL A 352 -12.77 -1.62 -11.10
N ALA A 353 -13.59 -1.44 -12.11
CA ALA A 353 -13.04 -1.09 -13.46
C ALA A 353 -12.13 0.09 -13.44
N VAL A 354 -12.50 1.16 -12.74
CA VAL A 354 -11.72 2.38 -12.72
C VAL A 354 -10.45 2.18 -11.91
N VAL A 355 -10.57 1.44 -10.82
CA VAL A 355 -9.40 1.06 -10.03
C VAL A 355 -8.39 0.33 -10.91
N TRP A 356 -8.89 -0.67 -11.62
CA TRP A 356 -8.08 -1.45 -12.61
C TRP A 356 -7.40 -0.56 -13.65
N GLU A 357 -8.14 0.41 -14.22
CA GLU A 357 -7.55 1.33 -15.20
C GLU A 357 -6.42 2.15 -14.61
N LYS A 358 -6.62 2.74 -13.45
CA LYS A 358 -5.60 3.62 -12.88
C LYS A 358 -4.38 2.83 -12.44
N THR A 359 -4.54 1.54 -12.21
CA THR A 359 -3.43 0.67 -11.95
C THR A 359 -2.70 0.26 -13.24
N HIS A 360 -3.49 -0.18 -14.20
CA HIS A 360 -2.99 -0.70 -15.50
C HIS A 360 -2.15 0.32 -16.29
N LYS A 361 -2.42 1.61 -16.15
CA LYS A 361 -1.52 2.69 -16.67
C LYS A 361 -0.31 3.06 -15.72
N ARG A 362 -0.33 4.26 -15.11
CA ARG A 362 0.85 4.95 -14.54
C ARG A 362 2.24 4.59 -15.14
S SO4 B . -0.03 7.08 -3.72
O1 SO4 B . -1.48 7.32 -3.89
O2 SO4 B . 0.44 7.25 -2.29
O3 SO4 B . 0.29 5.69 -4.06
O4 SO4 B . 0.56 8.06 -4.66
S SO4 C . -14.73 13.22 20.74
O1 SO4 C . -15.94 13.28 21.60
O2 SO4 C . -14.14 14.58 20.69
O3 SO4 C . -13.70 12.31 21.27
O4 SO4 C . -15.15 12.64 19.44
C ACT D . -11.96 -16.22 -12.18
O ACT D . -12.83 -15.33 -11.94
OXT ACT D . -12.31 -17.41 -12.43
CH3 ACT D . -10.48 -15.88 -12.18
ZN ZN E . 10.41 -2.38 3.59
ZN ZN F . 9.51 -1.44 -4.46
N1 LX4 G . -5.71 -13.98 4.91
C4 LX4 G . -7.56 -9.66 6.66
C5 LX4 G . -8.86 -11.30 5.50
C6 LX4 G . -7.33 -13.14 6.49
C7 LX4 G . -5.85 -13.17 6.11
C8 LX4 G . -6.66 -14.00 3.92
N LX4 G . -8.08 -12.50 5.37
C LX4 G . -8.01 -8.46 5.80
O LX4 G . -9.54 -10.91 4.54
C1 LX4 G . -9.54 -8.32 5.96
C2 LX4 G . -9.99 -9.51 6.79
C3 LX4 G . -8.82 -10.50 6.77
C9 LX4 G . -7.93 -13.16 4.08
O1 LX4 G . -6.49 -14.67 2.87
#